data_8B8Z
#
_entry.id   8B8Z
#
_cell.length_a   59.802
_cell.length_b   85.667
_cell.length_c   120.076
_cell.angle_alpha   90.000
_cell.angle_beta   90.000
_cell.angle_gamma   90.000
#
_symmetry.space_group_name_H-M   'P 21 21 21'
#
loop_
_entity.id
_entity.type
_entity.pdbx_description
1 polymer 'Peroxisome proliferator-activated receptor gamma'
2 polymer 'Nuclear receptor corepressor 2'
3 non-polymer 4,5-bis(chloranyl)-~{N}3-phenyl-~{N}1-(phenylmethyl)benzene-1,3-dicarboxamide
4 water water
#
loop_
_entity_poly.entity_id
_entity_poly.type
_entity_poly.pdbx_seq_one_letter_code
_entity_poly.pdbx_strand_id
1 'polypeptide(L)'
;GSHMQLNPESADLRALAKHLYDSYIKSFPLTKAKARAILTGKTTDKSPFVIYDMNSLMMGEDKIKFKHITPLQEQSKEVA
IRIFQGAQFRSVEAVQEITEYAKSIPGFVNLDLNDQVTLLKYGVHEIIYTMLASLMNKDGVLISEGQGFMTREFLKSLRK
PFGDFMEPKFEFAVKFNALELDDSDLAIFIAVIILSGDRPGLLNVKPIEDIQDNLLQALELQLKLNHPESSQLFAKLLQK
MTDLRQIVTEHVQLLQVIKKTETDMSLHPLLQEIYKDLY
;
A,B
2 'polypeptide(L)' HASTNMGLEAIIRKALMGKYDQW C,D
#
loop_
_chem_comp.id
_chem_comp.type
_chem_comp.name
_chem_comp.formula
Q33 non-polymer 4,5-bis(chloranyl)-~{N}3-phenyl-~{N}1-(phenylmethyl)benzene-1,3-dicarboxamide 'C21 H16 Cl2 N2 O2'
#
# COMPACT_ATOMS: atom_id res chain seq x y z
N HIS A 3 -8.65 -0.08 -27.83
CA HIS A 3 -7.77 1.12 -27.91
C HIS A 3 -8.43 2.31 -27.18
N MET A 4 -7.64 3.32 -26.82
CA MET A 4 -8.17 4.55 -26.19
C MET A 4 -8.79 5.45 -27.26
N GLN A 5 -9.93 6.04 -26.92
CA GLN A 5 -10.71 6.91 -27.81
C GLN A 5 -11.07 8.16 -27.02
N LEU A 6 -11.13 9.30 -27.72
CA LEU A 6 -11.62 10.59 -27.19
C LEU A 6 -13.15 10.63 -27.35
N ASN A 7 -13.87 10.18 -26.33
CA ASN A 7 -15.34 10.01 -26.33
C ASN A 7 -15.88 10.83 -25.18
N PRO A 8 -17.22 10.95 -25.07
CA PRO A 8 -17.84 11.68 -23.97
C PRO A 8 -17.34 11.27 -22.58
N GLU A 9 -17.07 9.97 -22.38
CA GLU A 9 -16.65 9.43 -21.06
C GLU A 9 -15.27 9.96 -20.75
N SER A 10 -14.36 9.92 -21.72
CA SER A 10 -12.94 10.38 -21.56
C SER A 10 -12.92 11.88 -21.23
N ALA A 11 -13.69 12.70 -21.95
CA ALA A 11 -13.70 14.18 -21.81
C ALA A 11 -14.27 14.57 -20.46
N ASP A 12 -15.23 13.80 -19.91
CA ASP A 12 -15.74 13.98 -18.52
C ASP A 12 -14.59 13.72 -17.55
N LEU A 13 -13.82 12.66 -17.77
CA LEU A 13 -12.69 12.34 -16.86
C LEU A 13 -11.62 13.44 -16.98
N ARG A 14 -11.43 14.01 -18.19
CA ARG A 14 -10.49 15.16 -18.40
C ARG A 14 -10.97 16.43 -17.67
N ALA A 15 -12.27 16.73 -17.73
CA ALA A 15 -12.86 17.90 -17.03
C ALA A 15 -12.79 17.66 -15.53
N LEU A 16 -13.05 16.44 -15.05
CA LEU A 16 -12.88 16.11 -13.60
C LEU A 16 -11.41 16.38 -13.21
N ALA A 17 -10.47 15.92 -14.01
CA ALA A 17 -9.01 16.11 -13.75
C ALA A 17 -8.71 17.62 -13.73
N LYS A 18 -9.29 18.38 -14.67
CA LYS A 18 -9.02 19.84 -14.76
C LYS A 18 -9.61 20.55 -13.53
N HIS A 19 -10.83 20.22 -13.15
CA HIS A 19 -11.50 20.76 -11.94
C HIS A 19 -10.65 20.43 -10.70
N LEU A 20 -10.13 19.22 -10.55
CA LEU A 20 -9.30 18.93 -9.36
C LEU A 20 -8.00 19.74 -9.41
N TYR A 21 -7.35 19.84 -10.57
CA TYR A 21 -6.14 20.68 -10.72
C TYR A 21 -6.42 22.11 -10.25
N ASP A 22 -7.47 22.73 -10.80
CA ASP A 22 -7.85 24.14 -10.47
C ASP A 22 -7.99 24.27 -8.95
N SER A 23 -8.76 23.36 -8.37
CA SER A 23 -9.05 23.37 -6.91
C SER A 23 -7.74 23.19 -6.12
N TYR A 24 -6.84 22.38 -6.67
CA TYR A 24 -5.54 22.04 -6.02
C TYR A 24 -4.68 23.31 -5.95
N ILE A 25 -4.61 24.07 -7.04
CA ILE A 25 -3.86 25.35 -7.19
C ILE A 25 -4.43 26.37 -6.19
N LYS A 26 -5.73 26.43 -6.09
CA LYS A 26 -6.43 27.33 -5.15
C LYS A 26 -6.04 26.99 -3.71
N SER A 27 -5.94 25.71 -3.33
CA SER A 27 -5.87 25.27 -1.91
C SER A 27 -4.43 25.16 -1.42
N PHE A 28 -3.47 24.88 -2.32
CA PHE A 28 -2.05 24.75 -1.91
C PHE A 28 -1.25 25.84 -2.59
N PRO A 29 -0.91 26.92 -1.87
CA PRO A 29 -0.18 28.05 -2.44
C PRO A 29 1.09 27.62 -3.20
N LEU A 30 1.95 26.83 -2.54
CA LEU A 30 3.24 26.39 -3.11
C LEU A 30 3.06 25.04 -3.82
N THR A 31 3.06 25.06 -5.15
CA THR A 31 2.81 23.94 -6.06
C THR A 31 4.15 23.22 -6.32
N LYS A 32 4.09 22.02 -6.89
CA LYS A 32 5.33 21.30 -7.25
C LYS A 32 6.05 22.13 -8.32
N ALA A 33 5.36 22.67 -9.33
CA ALA A 33 6.02 23.44 -10.41
C ALA A 33 6.88 24.54 -9.77
N LYS A 34 6.29 25.31 -8.86
CA LYS A 34 6.95 26.45 -8.18
C LYS A 34 8.10 25.90 -7.32
N ALA A 35 7.84 24.86 -6.51
CA ALA A 35 8.86 24.21 -5.65
C ALA A 35 10.04 23.81 -6.55
N ARG A 36 9.78 23.19 -7.69
CA ARG A 36 10.86 22.70 -8.58
C ARG A 36 11.67 23.87 -9.14
N ALA A 37 11.00 24.97 -9.55
CA ALA A 37 11.67 26.19 -10.05
C ALA A 37 12.59 26.76 -8.96
N ILE A 38 12.14 26.77 -7.71
CA ILE A 38 13.02 27.25 -6.60
C ILE A 38 14.22 26.29 -6.49
N LEU A 39 13.97 25.01 -6.25
CA LEU A 39 15.03 23.99 -5.99
C LEU A 39 16.05 23.95 -7.14
N THR A 40 15.65 24.20 -8.38
CA THR A 40 16.55 24.08 -9.55
C THR A 40 17.08 25.45 -9.98
N GLY A 41 16.86 26.49 -9.18
CA GLY A 41 17.29 27.87 -9.48
C GLY A 41 16.80 28.32 -10.86
N LYS A 42 15.56 28.00 -11.23
CA LYS A 42 14.96 28.35 -12.55
C LYS A 42 13.76 29.28 -12.30
N THR A 43 13.90 30.20 -11.35
CA THR A 43 12.86 31.17 -10.98
C THR A 43 13.55 32.51 -10.79
N THR A 44 12.79 33.60 -10.97
CA THR A 44 13.18 35.01 -10.66
C THR A 44 12.82 35.35 -9.20
N ASP A 45 12.17 34.43 -8.49
CA ASP A 45 11.69 34.62 -7.10
C ASP A 45 12.88 34.65 -6.11
N LYS A 46 12.69 35.20 -4.91
CA LYS A 46 13.76 35.38 -3.90
C LYS A 46 14.30 34.01 -3.50
N SER A 47 15.63 33.86 -3.49
CA SER A 47 16.34 32.58 -3.22
C SER A 47 16.16 32.21 -1.75
N PRO A 48 15.76 30.97 -1.43
CA PRO A 48 15.64 30.57 -0.02
C PRO A 48 16.99 30.53 0.72
N PHE A 49 16.91 30.84 2.00
CA PHE A 49 17.97 30.76 3.02
C PHE A 49 18.26 29.29 3.33
N VAL A 50 19.48 28.81 3.13
CA VAL A 50 19.90 27.41 3.40
C VAL A 50 20.34 27.22 4.86
N ILE A 51 19.63 26.40 5.62
CA ILE A 51 20.08 25.86 6.93
C ILE A 51 20.79 24.53 6.68
N TYR A 52 22.12 24.51 6.87
CA TYR A 52 22.98 23.33 6.63
C TYR A 52 23.81 22.99 7.88
N ASP A 53 23.80 23.82 8.93
CA ASP A 53 24.50 23.54 10.21
C ASP A 53 23.88 24.40 11.33
N MET A 54 24.42 24.29 12.54
CA MET A 54 23.86 24.98 13.73
C MET A 54 23.97 26.50 13.55
N ASN A 55 25.08 27.00 12.97
CA ASN A 55 25.29 28.46 12.78
C ASN A 55 24.29 29.00 11.76
N SER A 56 24.07 28.32 10.63
CA SER A 56 23.13 28.80 9.60
C SER A 56 21.70 28.65 10.12
N LEU A 57 21.44 27.71 11.03
CA LEU A 57 20.09 27.60 11.66
C LEU A 57 19.86 28.82 12.54
N MET A 58 20.88 29.25 13.29
CA MET A 58 20.75 30.37 14.25
C MET A 58 20.41 31.59 13.41
N MET A 59 21.23 31.88 12.40
CA MET A 59 21.02 32.99 11.43
C MET A 59 19.64 32.86 10.79
N GLY A 60 19.23 31.62 10.50
CA GLY A 60 18.02 31.30 9.74
C GLY A 60 16.78 31.62 10.55
N GLU A 61 16.72 31.16 11.80
CA GLU A 61 15.59 31.44 12.74
C GLU A 61 15.21 32.93 12.67
N ASP A 62 16.19 33.82 12.64
CA ASP A 62 16.02 35.30 12.60
C ASP A 62 15.47 35.73 11.23
N LYS A 63 16.09 35.28 10.14
CA LYS A 63 15.96 35.83 8.76
C LYS A 63 14.93 35.06 7.94
N ILE A 64 14.41 33.96 8.46
CA ILE A 64 13.22 33.23 7.92
C ILE A 64 12.08 33.49 8.90
N LYS A 65 11.30 34.54 8.67
CA LYS A 65 10.13 34.86 9.51
C LYS A 65 9.03 33.82 9.24
N PHE A 66 8.68 33.01 10.24
CA PHE A 66 7.70 31.89 10.16
C PHE A 66 6.29 32.45 10.35
N LYS A 67 5.25 31.62 10.15
CA LYS A 67 3.81 32.02 10.23
C LYS A 67 3.25 31.83 11.65
N HIS A 68 4.04 31.34 12.61
CA HIS A 68 3.71 31.28 14.05
C HIS A 68 4.99 31.38 14.87
N ILE A 69 4.90 31.30 16.20
CA ILE A 69 6.07 31.27 17.13
C ILE A 69 5.59 30.85 18.53
N GLN A 75 8.73 28.65 24.17
CA GLN A 75 9.91 28.81 23.28
C GLN A 75 11.07 28.01 23.88
N SER A 76 11.35 26.82 23.33
CA SER A 76 12.29 25.83 23.90
C SER A 76 13.72 26.33 23.67
N LYS A 77 14.61 26.14 24.67
CA LYS A 77 16.07 26.46 24.53
C LYS A 77 16.68 25.50 23.52
N GLU A 78 16.00 24.39 23.21
CA GLU A 78 16.57 23.26 22.43
C GLU A 78 16.19 23.39 20.95
N VAL A 79 17.21 23.45 20.07
CA VAL A 79 17.09 23.69 18.61
C VAL A 79 16.23 22.57 18.03
N ALA A 80 16.49 21.33 18.41
CA ALA A 80 15.83 20.16 17.81
C ALA A 80 14.33 20.27 18.07
N ILE A 81 13.94 20.73 19.26
CA ILE A 81 12.51 20.83 19.67
C ILE A 81 11.85 21.97 18.89
N ARG A 82 12.52 23.11 18.74
CA ARG A 82 11.95 24.29 18.02
C ARG A 82 11.70 23.93 16.54
N ILE A 83 12.58 23.15 15.92
CA ILE A 83 12.42 22.73 14.49
C ILE A 83 11.16 21.84 14.39
N PHE A 84 11.12 20.76 15.18
CA PHE A 84 10.00 19.79 15.28
C PHE A 84 8.69 20.53 15.50
N GLN A 85 8.66 21.54 16.39
CA GLN A 85 7.45 22.35 16.69
C GLN A 85 6.96 23.03 15.42
N GLY A 86 7.81 23.80 14.74
CA GLY A 86 7.50 24.42 13.44
C GLY A 86 6.89 23.40 12.48
N ALA A 87 7.53 22.23 12.33
CA ALA A 87 7.01 21.12 11.51
C ALA A 87 5.55 20.79 11.91
N GLN A 88 5.28 20.62 13.22
CA GLN A 88 3.93 20.18 13.69
C GLN A 88 2.93 21.31 13.41
N PHE A 89 3.33 22.57 13.57
CA PHE A 89 2.48 23.74 13.28
C PHE A 89 2.15 23.77 11.78
N ARG A 90 3.14 23.56 10.91
CA ARG A 90 2.90 23.59 9.45
C ARG A 90 1.96 22.44 9.06
N SER A 91 2.05 21.29 9.74
CA SER A 91 1.18 20.11 9.51
C SER A 91 -0.27 20.48 9.83
N VAL A 92 -0.48 21.22 10.92
CA VAL A 92 -1.83 21.74 11.28
C VAL A 92 -2.36 22.56 10.10
N GLU A 93 -1.59 23.53 9.64
CA GLU A 93 -1.93 24.39 8.47
C GLU A 93 -2.26 23.46 7.30
N ALA A 94 -1.46 22.40 7.09
CA ALA A 94 -1.63 21.49 5.93
C ALA A 94 -2.99 20.77 6.00
N VAL A 95 -3.43 20.36 7.18
CA VAL A 95 -4.76 19.71 7.39
C VAL A 95 -5.86 20.64 6.86
N GLN A 96 -5.78 21.94 7.16
CA GLN A 96 -6.78 22.95 6.73
C GLN A 96 -6.78 23.03 5.20
N GLU A 97 -5.60 23.09 4.60
CA GLU A 97 -5.47 23.19 3.13
C GLU A 97 -6.08 21.93 2.47
N ILE A 98 -5.85 20.74 3.05
CA ILE A 98 -6.23 19.44 2.45
C ILE A 98 -7.74 19.28 2.56
N THR A 99 -8.31 19.65 3.72
CA THR A 99 -9.78 19.73 3.97
C THR A 99 -10.43 20.66 2.94
N GLU A 100 -9.87 21.84 2.71
CA GLU A 100 -10.45 22.83 1.76
C GLU A 100 -10.48 22.19 0.36
N TYR A 101 -9.42 21.44 0.05
CA TYR A 101 -9.28 20.68 -1.21
C TYR A 101 -10.33 19.57 -1.25
N ALA A 102 -10.46 18.80 -0.18
CA ALA A 102 -11.44 17.69 -0.08
C ALA A 102 -12.84 18.19 -0.48
N LYS A 103 -13.23 19.41 -0.07
CA LYS A 103 -14.58 19.99 -0.29
C LYS A 103 -14.86 20.16 -1.79
N SER A 104 -13.82 20.37 -2.59
CA SER A 104 -13.91 20.58 -4.04
C SER A 104 -14.04 19.23 -4.79
N ILE A 105 -13.87 18.08 -4.14
CA ILE A 105 -13.97 16.77 -4.86
C ILE A 105 -15.47 16.45 -5.02
N PRO A 106 -15.97 16.34 -6.27
CA PRO A 106 -17.41 16.09 -6.48
C PRO A 106 -17.88 14.86 -5.71
N GLY A 107 -18.95 15.01 -4.94
CA GLY A 107 -19.59 13.98 -4.10
C GLY A 107 -19.12 14.05 -2.66
N PHE A 108 -17.97 14.66 -2.38
CA PHE A 108 -17.34 14.55 -1.04
C PHE A 108 -18.22 15.23 0.03
N VAL A 109 -18.64 16.48 -0.18
CA VAL A 109 -19.46 17.22 0.84
C VAL A 109 -20.86 16.57 0.94
N ASN A 110 -21.25 15.76 -0.05
CA ASN A 110 -22.51 14.97 -0.06
C ASN A 110 -22.44 13.73 0.87
N LEU A 111 -21.27 13.32 1.35
CA LEU A 111 -21.09 12.13 2.24
C LEU A 111 -21.47 12.53 3.66
N ASP A 112 -21.87 11.57 4.52
CA ASP A 112 -22.12 11.82 5.96
C ASP A 112 -20.90 12.54 6.53
N LEU A 113 -21.15 13.67 7.19
CA LEU A 113 -20.09 14.55 7.73
C LEU A 113 -19.11 13.68 8.54
N ASN A 114 -19.62 12.73 9.31
CA ASN A 114 -18.80 11.79 10.14
C ASN A 114 -17.83 11.02 9.24
N ASP A 115 -18.29 10.60 8.05
CA ASP A 115 -17.46 9.83 7.09
C ASP A 115 -16.41 10.79 6.51
N GLN A 116 -16.82 12.02 6.18
CA GLN A 116 -15.94 13.12 5.71
C GLN A 116 -14.81 13.32 6.71
N VAL A 117 -15.12 13.38 7.99
CA VAL A 117 -14.11 13.59 9.08
C VAL A 117 -13.19 12.36 9.10
N THR A 118 -13.72 11.15 8.95
CA THR A 118 -12.91 9.90 9.08
C THR A 118 -11.90 9.83 7.92
N LEU A 119 -12.33 10.08 6.68
CA LEU A 119 -11.47 10.03 5.46
C LEU A 119 -10.26 10.94 5.67
N LEU A 120 -10.52 12.19 6.08
CA LEU A 120 -9.52 13.26 6.28
C LEU A 120 -8.62 12.93 7.46
N LYS A 121 -9.20 12.56 8.59
CA LYS A 121 -8.49 12.12 9.82
C LYS A 121 -7.41 11.10 9.42
N TYR A 122 -7.70 10.09 8.61
CA TYR A 122 -6.70 9.03 8.28
C TYR A 122 -5.86 9.42 7.05
N GLY A 123 -6.32 10.34 6.21
CA GLY A 123 -5.70 10.65 4.91
C GLY A 123 -4.61 11.71 4.96
N VAL A 124 -4.80 12.73 5.79
CA VAL A 124 -3.99 13.98 5.77
C VAL A 124 -2.51 13.61 5.91
N HIS A 125 -2.15 12.65 6.77
CA HIS A 125 -0.73 12.24 6.98
C HIS A 125 -0.15 11.66 5.68
N GLU A 126 -0.93 10.84 4.95
CA GLU A 126 -0.48 10.25 3.66
C GLU A 126 -0.29 11.37 2.63
N ILE A 127 -1.18 12.36 2.64
CA ILE A 127 -1.13 13.51 1.68
C ILE A 127 0.00 14.46 2.09
N ILE A 128 0.29 14.59 3.37
CA ILE A 128 1.40 15.48 3.80
C ILE A 128 2.71 14.88 3.29
N TYR A 129 2.96 13.59 3.45
CA TYR A 129 4.22 12.97 2.94
C TYR A 129 4.29 13.12 1.41
N THR A 130 3.18 13.02 0.69
CA THR A 130 3.11 13.21 -0.78
C THR A 130 3.59 14.63 -1.11
N MET A 131 3.10 15.62 -0.39
CA MET A 131 3.32 17.05 -0.70
C MET A 131 4.70 17.47 -0.19
N LEU A 132 5.20 16.88 0.90
CA LEU A 132 6.62 17.07 1.30
C LEU A 132 7.52 16.65 0.13
N ALA A 133 7.25 15.56 -0.59
CA ALA A 133 8.16 15.11 -1.68
C ALA A 133 8.33 16.23 -2.72
N SER A 134 7.24 16.94 -2.99
CA SER A 134 7.20 18.08 -3.96
C SER A 134 8.23 19.14 -3.55
N LEU A 135 8.50 19.25 -2.26
CA LEU A 135 9.33 20.30 -1.63
C LEU A 135 10.76 19.75 -1.44
N MET A 136 11.08 18.53 -1.88
CA MET A 136 12.36 17.85 -1.50
C MET A 136 13.19 17.52 -2.74
N ASN A 137 14.50 17.59 -2.61
CA ASN A 137 15.50 16.98 -3.54
C ASN A 137 16.44 16.16 -2.66
N LYS A 138 17.50 15.59 -3.22
CA LYS A 138 18.45 14.76 -2.43
C LYS A 138 19.09 15.59 -1.31
N ASP A 139 19.13 16.92 -1.40
CA ASP A 139 19.88 17.77 -0.44
C ASP A 139 19.02 18.20 0.75
N GLY A 140 17.68 18.23 0.63
CA GLY A 140 16.86 18.81 1.71
C GLY A 140 15.44 19.21 1.30
N VAL A 141 14.81 20.00 2.16
CA VAL A 141 13.36 20.31 2.10
C VAL A 141 13.15 21.83 2.17
N LEU A 142 12.39 22.38 1.23
CA LEU A 142 11.88 23.77 1.29
C LEU A 142 10.96 23.90 2.50
N ILE A 143 11.16 24.94 3.33
CA ILE A 143 10.32 25.24 4.53
C ILE A 143 9.83 26.70 4.48
N SER A 144 8.85 27.04 5.32
CA SER A 144 8.33 28.42 5.46
C SER A 144 7.88 28.91 4.08
N GLU A 145 6.95 28.15 3.48
CA GLU A 145 6.47 28.36 2.11
C GLU A 145 7.63 28.84 1.22
N GLY A 146 8.79 28.15 1.27
CA GLY A 146 9.88 28.35 0.29
C GLY A 146 10.85 29.47 0.65
N GLN A 147 10.75 30.07 1.83
CA GLN A 147 11.73 31.10 2.29
C GLN A 147 13.01 30.40 2.76
N GLY A 148 12.87 29.16 3.25
CA GLY A 148 13.95 28.37 3.83
C GLY A 148 14.19 27.07 3.09
N PHE A 149 15.41 26.57 3.18
CA PHE A 149 15.76 25.20 2.79
C PHE A 149 16.60 24.59 3.90
N MET A 150 16.15 23.45 4.41
CA MET A 150 16.83 22.71 5.49
C MET A 150 17.37 21.40 4.90
N THR A 151 18.67 21.15 5.06
CA THR A 151 19.36 19.97 4.48
C THR A 151 18.90 18.70 5.19
N ARG A 152 18.91 17.61 4.46
CA ARG A 152 18.58 16.26 4.98
C ARG A 152 19.58 15.88 6.07
N GLU A 153 20.87 16.18 5.86
CA GLU A 153 21.92 15.79 6.84
C GLU A 153 21.84 16.65 8.10
N PHE A 154 21.45 17.92 8.02
CA PHE A 154 21.32 18.75 9.24
C PHE A 154 20.17 18.22 10.12
N LEU A 155 19.04 17.89 9.50
CA LEU A 155 17.89 17.25 10.20
C LEU A 155 18.34 15.97 10.88
N LYS A 156 19.13 15.17 10.17
CA LYS A 156 19.65 13.85 10.62
C LYS A 156 20.63 14.03 11.78
N SER A 157 21.36 15.14 11.83
CA SER A 157 22.34 15.41 12.92
C SER A 157 21.62 15.77 14.24
N LEU A 158 20.30 16.00 14.24
CA LEU A 158 19.57 16.43 15.47
C LEU A 158 19.62 15.27 16.47
N ARG A 159 19.65 15.57 17.77
CA ARG A 159 19.77 14.52 18.81
C ARG A 159 18.54 13.58 18.70
N LYS A 160 18.75 12.30 19.01
CA LYS A 160 17.65 11.29 19.13
C LYS A 160 16.61 11.85 20.08
N PRO A 161 15.29 11.67 19.87
CA PRO A 161 14.73 10.92 18.74
C PRO A 161 14.33 11.79 17.54
N PHE A 162 14.83 13.03 17.48
CA PHE A 162 14.45 14.03 16.45
C PHE A 162 15.26 13.82 15.16
N GLY A 163 16.47 13.29 15.25
CA GLY A 163 17.39 13.07 14.11
C GLY A 163 16.79 12.19 13.01
N ASP A 164 15.82 11.35 13.36
CA ASP A 164 15.21 10.33 12.47
C ASP A 164 13.78 10.71 12.08
N PHE A 165 13.25 11.85 12.51
CA PHE A 165 11.83 12.22 12.24
C PHE A 165 11.66 12.38 10.73
N MET A 166 12.58 13.01 10.01
CA MET A 166 12.37 13.33 8.57
C MET A 166 12.96 12.26 7.67
N GLU A 167 13.81 11.36 8.15
CA GLU A 167 14.50 10.36 7.27
C GLU A 167 13.52 9.54 6.45
N PRO A 168 12.42 8.99 7.01
CA PRO A 168 11.50 8.18 6.19
C PRO A 168 10.76 9.00 5.12
N LYS A 169 10.59 10.32 5.32
CA LYS A 169 9.96 11.22 4.32
C LYS A 169 10.94 11.38 3.14
N PHE A 170 12.23 11.54 3.43
CA PHE A 170 13.26 11.70 2.37
C PHE A 170 13.37 10.39 1.59
N GLU A 171 13.37 9.24 2.29
CA GLU A 171 13.44 7.89 1.67
C GLU A 171 12.27 7.77 0.67
N PHE A 172 11.07 8.03 1.16
CA PHE A 172 9.84 8.01 0.32
C PHE A 172 10.02 8.95 -0.89
N ALA A 173 10.49 10.17 -0.62
CA ALA A 173 10.60 11.25 -1.63
C ALA A 173 11.63 10.91 -2.70
N VAL A 174 12.77 10.32 -2.37
CA VAL A 174 13.80 9.94 -3.39
C VAL A 174 13.10 9.07 -4.43
N LYS A 175 12.37 8.04 -4.00
CA LYS A 175 11.76 7.05 -4.94
C LYS A 175 10.52 7.65 -5.61
N PHE A 176 9.77 8.50 -4.92
CA PHE A 176 8.48 9.03 -5.44
C PHE A 176 8.73 10.10 -6.51
N ASN A 177 9.63 11.04 -6.25
CA ASN A 177 10.06 12.10 -7.21
C ASN A 177 10.68 11.53 -8.48
N ALA A 178 11.28 10.33 -8.44
CA ALA A 178 11.83 9.62 -9.62
C ALA A 178 10.70 9.27 -10.60
N LEU A 179 9.45 9.19 -10.16
CA LEU A 179 8.28 8.96 -11.04
C LEU A 179 7.95 10.23 -11.84
N GLU A 180 8.47 11.39 -11.43
CA GLU A 180 8.27 12.71 -12.09
C GLU A 180 6.79 13.07 -12.28
N LEU A 181 5.95 12.86 -11.28
CA LEU A 181 4.56 13.35 -11.34
C LEU A 181 4.59 14.88 -11.38
N ASP A 182 3.59 15.48 -12.02
CA ASP A 182 3.40 16.94 -11.98
C ASP A 182 2.13 17.24 -11.15
N ASP A 183 1.81 18.51 -10.99
CA ASP A 183 0.65 18.96 -10.17
C ASP A 183 -0.69 18.38 -10.70
N SER A 184 -0.86 18.23 -12.01
CA SER A 184 -2.08 17.62 -12.63
C SER A 184 -2.21 16.15 -12.20
N ASP A 185 -1.08 15.45 -12.06
CA ASP A 185 -1.10 14.03 -11.67
C ASP A 185 -1.42 13.97 -10.18
N LEU A 186 -0.74 14.78 -9.37
CA LEU A 186 -0.83 14.78 -7.89
C LEU A 186 -2.25 15.16 -7.41
N ALA A 187 -2.92 16.07 -8.11
CA ALA A 187 -4.26 16.55 -7.69
C ALA A 187 -5.18 15.33 -7.65
N ILE A 188 -5.12 14.49 -8.69
CA ILE A 188 -6.00 13.28 -8.76
C ILE A 188 -5.48 12.23 -7.76
N PHE A 189 -4.18 11.98 -7.73
CA PHE A 189 -3.57 11.05 -6.75
C PHE A 189 -4.09 11.38 -5.35
N ILE A 190 -3.98 12.65 -4.93
CA ILE A 190 -4.34 13.08 -3.55
C ILE A 190 -5.85 12.83 -3.33
N ALA A 191 -6.69 13.10 -4.34
CA ALA A 191 -8.15 12.84 -4.27
C ALA A 191 -8.41 11.33 -4.16
N VAL A 192 -7.67 10.48 -4.88
CA VAL A 192 -7.84 9.01 -4.71
C VAL A 192 -7.56 8.63 -3.26
N ILE A 193 -6.49 9.15 -2.65
CA ILE A 193 -6.13 8.79 -1.24
C ILE A 193 -7.26 9.20 -0.28
N ILE A 194 -7.77 10.42 -0.39
CA ILE A 194 -8.84 10.92 0.52
C ILE A 194 -10.01 9.93 0.46
N LEU A 195 -10.37 9.44 -0.73
CA LEU A 195 -11.59 8.61 -0.88
C LEU A 195 -11.27 7.13 -0.79
N SER A 196 -10.62 6.73 0.30
CA SER A 196 -10.28 5.31 0.59
C SER A 196 -11.41 4.71 1.45
N GLY A 197 -12.16 3.76 0.90
CA GLY A 197 -13.32 3.10 1.56
C GLY A 197 -12.94 2.15 2.67
N ASP A 198 -11.65 2.00 2.98
CA ASP A 198 -11.13 1.02 3.98
C ASP A 198 -10.63 1.75 5.23
N ARG A 199 -10.79 3.06 5.35
CA ARG A 199 -10.48 3.73 6.63
C ARG A 199 -11.35 3.09 7.72
N PRO A 200 -10.85 2.85 8.95
CA PRO A 200 -11.69 2.25 9.99
C PRO A 200 -12.75 3.26 10.46
N GLY A 201 -13.95 2.74 10.75
CA GLY A 201 -15.06 3.46 11.40
C GLY A 201 -15.93 4.23 10.40
N LEU A 202 -15.89 3.87 9.13
CA LEU A 202 -16.74 4.52 8.09
C LEU A 202 -18.14 3.91 8.19
N LEU A 203 -19.20 4.71 7.99
CA LEU A 203 -20.60 4.23 8.05
C LEU A 203 -21.01 3.68 6.68
N ASN A 204 -20.82 4.49 5.63
CA ASN A 204 -21.33 4.16 4.28
C ASN A 204 -20.13 4.11 3.33
N VAL A 205 -19.63 2.90 3.12
CA VAL A 205 -18.43 2.59 2.31
C VAL A 205 -18.75 2.74 0.81
N LYS A 206 -19.88 2.21 0.37
CA LYS A 206 -20.19 2.06 -1.08
C LYS A 206 -20.15 3.43 -1.73
N PRO A 207 -20.79 4.48 -1.16
CA PRO A 207 -20.74 5.78 -1.80
C PRO A 207 -19.30 6.32 -1.91
N ILE A 208 -18.41 5.94 -1.00
CA ILE A 208 -16.99 6.41 -1.04
C ILE A 208 -16.24 5.67 -2.16
N GLU A 209 -16.47 4.36 -2.31
CA GLU A 209 -15.86 3.54 -3.39
C GLU A 209 -16.37 4.04 -4.76
N ASP A 210 -17.59 4.54 -4.85
CA ASP A 210 -18.15 4.97 -6.16
C ASP A 210 -17.38 6.21 -6.65
N ILE A 211 -17.10 7.16 -5.77
CA ILE A 211 -16.31 8.37 -6.08
C ILE A 211 -14.86 7.93 -6.34
N GLN A 212 -14.33 7.02 -5.53
CA GLN A 212 -12.93 6.54 -5.72
C GLN A 212 -12.81 5.89 -7.09
N ASP A 213 -13.82 5.12 -7.51
CA ASP A 213 -13.79 4.42 -8.82
C ASP A 213 -13.67 5.46 -9.93
N ASN A 214 -14.46 6.53 -9.84
CA ASN A 214 -14.41 7.67 -10.81
C ASN A 214 -13.03 8.35 -10.76
N LEU A 215 -12.54 8.68 -9.56
CA LEU A 215 -11.19 9.26 -9.38
C LEU A 215 -10.11 8.31 -9.95
N LEU A 216 -10.19 6.99 -9.71
CA LEU A 216 -9.18 6.00 -10.21
C LEU A 216 -9.19 5.99 -11.74
N GLN A 217 -10.37 6.00 -12.34
CA GLN A 217 -10.49 6.14 -13.81
C GLN A 217 -9.83 7.42 -14.31
N ALA A 218 -10.06 8.53 -13.62
CA ALA A 218 -9.51 9.84 -14.03
C ALA A 218 -7.98 9.82 -13.91
N LEU A 219 -7.44 9.16 -12.87
CA LEU A 219 -5.99 9.10 -12.59
C LEU A 219 -5.34 8.29 -13.69
N GLU A 220 -5.93 7.15 -14.01
CA GLU A 220 -5.40 6.24 -15.04
C GLU A 220 -5.31 7.00 -16.36
N LEU A 221 -6.37 7.71 -16.77
CA LEU A 221 -6.35 8.48 -18.04
C LEU A 221 -5.30 9.57 -17.92
N GLN A 222 -5.24 10.28 -16.80
CA GLN A 222 -4.22 11.34 -16.61
C GLN A 222 -2.83 10.77 -16.89
N LEU A 223 -2.50 9.62 -16.30
CA LEU A 223 -1.12 9.06 -16.31
C LEU A 223 -0.77 8.51 -17.70
N LYS A 224 -1.75 7.96 -18.41
CA LYS A 224 -1.55 7.50 -19.81
C LYS A 224 -1.25 8.71 -20.69
N LEU A 225 -2.03 9.77 -20.59
CA LEU A 225 -1.86 10.96 -21.48
C LEU A 225 -0.55 11.69 -21.13
N ASN A 226 -0.21 11.73 -19.85
CA ASN A 226 0.84 12.65 -19.38
C ASN A 226 2.19 11.92 -19.35
N HIS A 227 2.23 10.58 -19.38
CA HIS A 227 3.48 9.80 -19.14
C HIS A 227 3.64 8.70 -20.17
N PRO A 228 4.06 9.05 -21.41
CA PRO A 228 4.29 8.05 -22.45
C PRO A 228 5.43 7.06 -22.10
N GLU A 229 6.26 7.38 -21.10
CA GLU A 229 7.53 6.66 -20.76
C GLU A 229 7.30 5.54 -19.76
N SER A 230 6.14 5.44 -19.10
CA SER A 230 5.89 4.36 -18.11
C SER A 230 4.45 3.90 -18.27
N SER A 231 4.26 2.78 -18.96
CA SER A 231 2.91 2.26 -19.32
C SER A 231 2.21 1.75 -18.05
N GLN A 232 2.95 1.46 -16.98
CA GLN A 232 2.37 0.92 -15.71
C GLN A 232 2.58 1.94 -14.57
N LEU A 233 2.55 3.24 -14.84
CA LEU A 233 2.73 4.24 -13.77
C LEU A 233 1.52 4.17 -12.83
N PHE A 234 0.33 3.94 -13.38
CA PHE A 234 -0.92 3.83 -12.60
C PHE A 234 -0.72 2.79 -11.50
N ALA A 235 -0.45 1.55 -11.90
CA ALA A 235 -0.10 0.47 -10.96
C ALA A 235 0.98 0.93 -9.97
N LYS A 236 2.06 1.54 -10.44
CA LYS A 236 3.20 1.96 -9.58
C LYS A 236 2.70 2.97 -8.53
N LEU A 237 1.78 3.84 -8.93
CA LEU A 237 1.29 4.92 -8.04
C LEU A 237 0.38 4.33 -6.95
N LEU A 238 -0.39 3.30 -7.27
CA LEU A 238 -1.22 2.58 -6.28
C LEU A 238 -0.29 1.86 -5.29
N GLN A 239 0.84 1.29 -5.76
CA GLN A 239 1.83 0.61 -4.87
C GLN A 239 2.32 1.65 -3.85
N LYS A 240 2.52 2.90 -4.27
CA LYS A 240 2.98 3.99 -3.37
C LYS A 240 1.94 4.29 -2.27
N MET A 241 0.64 4.18 -2.55
CA MET A 241 -0.43 4.43 -1.53
C MET A 241 -0.29 3.34 -0.47
N THR A 242 0.11 2.14 -0.92
CA THR A 242 0.34 0.97 -0.04
C THR A 242 1.53 1.29 0.87
N ASP A 243 2.67 1.75 0.33
CA ASP A 243 3.81 2.25 1.14
C ASP A 243 3.30 3.24 2.19
N LEU A 244 2.75 4.39 1.75
CA LEU A 244 2.43 5.60 2.57
C LEU A 244 1.84 5.18 3.92
N ARG A 245 0.96 4.17 3.94
CA ARG A 245 0.38 3.53 5.16
C ARG A 245 1.48 3.23 6.19
N GLN A 246 2.55 2.56 5.73
CA GLN A 246 3.71 2.12 6.55
C GLN A 246 4.43 3.34 7.12
N ILE A 247 4.71 4.37 6.32
CA ILE A 247 5.46 5.56 6.82
C ILE A 247 4.56 6.28 7.84
N VAL A 248 3.23 6.30 7.64
CA VAL A 248 2.29 6.91 8.63
C VAL A 248 2.35 6.11 9.93
N THR A 249 2.47 4.79 9.83
CA THR A 249 2.71 3.85 10.97
C THR A 249 3.99 4.22 11.73
N GLU A 250 5.15 4.26 11.07
CA GLU A 250 6.43 4.70 11.67
C GLU A 250 6.32 6.09 12.28
N HIS A 251 5.61 7.03 11.63
CA HIS A 251 5.47 8.42 12.14
C HIS A 251 4.68 8.40 13.45
N VAL A 252 3.53 7.72 13.45
CA VAL A 252 2.60 7.63 14.62
C VAL A 252 3.33 6.97 15.81
N GLN A 253 4.07 5.87 15.62
CA GLN A 253 4.77 5.22 16.75
C GLN A 253 5.93 6.11 17.27
N LEU A 254 6.54 6.94 16.42
CA LEU A 254 7.61 7.90 16.82
C LEU A 254 6.98 9.09 17.57
N LEU A 255 5.73 9.48 17.24
CA LEU A 255 5.01 10.58 17.97
C LEU A 255 4.60 10.10 19.36
N GLN A 256 4.59 8.79 19.61
CA GLN A 256 4.37 8.20 20.95
C GLN A 256 5.65 8.42 21.76
N VAL A 257 6.78 7.91 21.26
CA VAL A 257 8.11 8.00 21.92
C VAL A 257 8.31 9.46 22.34
N ILE A 258 8.17 10.39 21.39
CA ILE A 258 8.43 11.84 21.62
C ILE A 258 7.55 12.30 22.78
N LYS A 259 6.22 12.30 22.57
CA LYS A 259 5.19 12.79 23.55
C LYS A 259 5.44 12.24 24.96
N LYS A 260 5.83 10.96 25.11
CA LYS A 260 6.08 10.31 26.43
C LYS A 260 7.53 10.52 26.90
N THR A 261 8.42 11.09 26.07
CA THR A 261 9.90 11.18 26.33
C THR A 261 10.37 12.65 26.43
N GLU A 262 9.67 13.60 25.77
CA GLU A 262 9.97 15.05 25.75
C GLU A 262 8.77 15.80 26.35
N THR A 263 8.56 17.09 26.06
CA THR A 263 7.44 17.89 26.64
C THR A 263 6.78 18.76 25.56
N HIS A 268 -0.42 24.94 19.38
CA HIS A 268 -0.79 25.67 18.14
C HIS A 268 -2.04 26.53 18.37
N PRO A 269 -2.05 27.82 17.93
CA PRO A 269 -3.12 28.77 18.25
C PRO A 269 -4.57 28.35 17.96
N LEU A 270 -4.80 27.48 16.96
CA LEU A 270 -6.15 27.02 16.54
C LEU A 270 -6.63 25.87 17.44
N LEU A 271 -5.72 25.17 18.13
CA LEU A 271 -6.08 24.23 19.22
C LEU A 271 -6.44 25.03 20.50
N GLN A 272 -5.76 26.16 20.73
CA GLN A 272 -6.00 27.05 21.92
C GLN A 272 -7.40 27.66 21.86
N GLU A 273 -7.94 27.93 20.66
CA GLU A 273 -9.26 28.58 20.43
C GLU A 273 -10.31 27.53 20.02
N GLN B 5 -7.76 -9.13 -33.73
CA GLN B 5 -8.00 -7.84 -33.00
C GLN B 5 -6.80 -7.52 -32.10
N LEU B 6 -6.18 -8.52 -31.46
CA LEU B 6 -4.98 -8.30 -30.62
C LEU B 6 -3.77 -8.04 -31.53
N ASN B 7 -2.97 -7.01 -31.24
CA ASN B 7 -1.68 -6.74 -31.94
C ASN B 7 -0.64 -7.72 -31.38
N PRO B 8 0.59 -7.79 -31.94
CA PRO B 8 1.60 -8.74 -31.44
C PRO B 8 2.00 -8.46 -29.98
N GLU B 9 1.91 -7.22 -29.50
CA GLU B 9 2.12 -6.87 -28.07
C GLU B 9 1.11 -7.66 -27.21
N SER B 10 -0.17 -7.59 -27.55
CA SER B 10 -1.28 -8.23 -26.81
C SER B 10 -1.20 -9.76 -26.90
N ALA B 11 -0.97 -10.29 -28.11
CA ALA B 11 -0.74 -11.73 -28.36
C ALA B 11 0.27 -12.25 -27.31
N ASP B 12 1.42 -11.58 -27.19
CA ASP B 12 2.54 -12.00 -26.30
C ASP B 12 2.09 -11.93 -24.84
N LEU B 13 1.31 -10.91 -24.47
CA LEU B 13 0.75 -10.78 -23.10
C LEU B 13 -0.24 -11.92 -22.83
N ARG B 14 -1.03 -12.36 -23.81
CA ARG B 14 -1.94 -13.53 -23.64
C ARG B 14 -1.12 -14.81 -23.48
N ALA B 15 -0.07 -14.99 -24.29
CA ALA B 15 0.83 -16.17 -24.25
C ALA B 15 1.54 -16.22 -22.89
N LEU B 16 2.00 -15.07 -22.38
CA LEU B 16 2.61 -14.98 -21.02
C LEU B 16 1.55 -15.40 -19.99
N ALA B 17 0.30 -14.95 -20.13
CA ALA B 17 -0.79 -15.28 -19.18
C ALA B 17 -0.95 -16.79 -19.14
N LYS B 18 -0.93 -17.41 -20.32
CA LYS B 18 -1.22 -18.85 -20.48
C LYS B 18 -0.03 -19.65 -19.94
N HIS B 19 1.20 -19.23 -20.20
CA HIS B 19 2.42 -19.88 -19.65
C HIS B 19 2.30 -19.91 -18.13
N LEU B 20 1.98 -18.76 -17.52
CA LEU B 20 1.88 -18.64 -16.04
C LEU B 20 0.72 -19.50 -15.56
N TYR B 21 -0.41 -19.48 -16.24
CA TYR B 21 -1.56 -20.33 -15.84
C TYR B 21 -1.15 -21.81 -15.87
N ASP B 22 -0.50 -22.26 -16.94
CA ASP B 22 -0.10 -23.69 -17.09
C ASP B 22 0.93 -24.07 -16.01
N SER B 23 1.88 -23.19 -15.74
CA SER B 23 2.91 -23.39 -14.69
C SER B 23 2.24 -23.45 -13.31
N TYR B 24 1.21 -22.63 -13.09
CA TYR B 24 0.48 -22.50 -11.79
C TYR B 24 -0.30 -23.79 -11.51
N ILE B 25 -0.98 -24.34 -12.52
CA ILE B 25 -1.75 -25.62 -12.45
C ILE B 25 -0.86 -26.77 -11.95
N LYS B 26 0.41 -26.78 -12.38
CA LYS B 26 1.45 -27.82 -12.14
C LYS B 26 2.07 -27.65 -10.76
N SER B 27 2.24 -26.42 -10.29
CA SER B 27 2.91 -26.10 -8.99
C SER B 27 1.92 -26.27 -7.83
N PHE B 28 0.64 -25.93 -8.04
CA PHE B 28 -0.41 -25.84 -6.99
C PHE B 28 -1.51 -26.84 -7.32
N PRO B 29 -1.43 -28.06 -6.77
CA PRO B 29 -2.35 -29.13 -7.15
C PRO B 29 -3.81 -28.86 -6.74
N LEU B 30 -4.06 -28.20 -5.60
CA LEU B 30 -5.43 -27.77 -5.21
C LEU B 30 -5.68 -26.32 -5.67
N THR B 31 -6.28 -26.15 -6.85
CA THR B 31 -6.65 -24.83 -7.44
C THR B 31 -7.88 -24.24 -6.74
N LYS B 32 -8.18 -22.99 -7.06
CA LYS B 32 -9.43 -22.31 -6.59
C LYS B 32 -10.65 -22.98 -7.22
N ALA B 33 -10.66 -23.25 -8.51
CA ALA B 33 -11.82 -23.95 -9.16
C ALA B 33 -12.15 -25.21 -8.35
N LYS B 34 -11.14 -25.98 -7.97
CA LYS B 34 -11.38 -27.26 -7.25
C LYS B 34 -11.78 -26.96 -5.81
N ALA B 35 -11.13 -26.01 -5.15
CA ALA B 35 -11.47 -25.61 -3.77
C ALA B 35 -12.93 -25.16 -3.75
N ARG B 36 -13.32 -24.34 -4.71
CA ARG B 36 -14.69 -23.76 -4.80
C ARG B 36 -15.74 -24.86 -5.07
N ALA B 37 -15.40 -25.88 -5.88
CA ALA B 37 -16.28 -27.03 -6.16
C ALA B 37 -16.60 -27.69 -4.83
N ILE B 38 -15.58 -27.99 -4.04
CA ILE B 38 -15.75 -28.62 -2.70
C ILE B 38 -16.57 -27.70 -1.79
N LEU B 39 -16.29 -26.39 -1.74
CA LEU B 39 -16.94 -25.49 -0.77
C LEU B 39 -18.44 -25.35 -1.09
N THR B 40 -18.83 -25.30 -2.37
CA THR B 40 -20.23 -25.12 -2.83
C THR B 40 -20.96 -26.47 -2.85
N GLY B 41 -20.36 -27.50 -2.23
CA GLY B 41 -20.84 -28.90 -2.23
C GLY B 41 -20.85 -29.49 -3.62
N LYS B 42 -20.46 -28.70 -4.63
CA LYS B 42 -20.76 -28.96 -6.07
C LYS B 42 -19.70 -29.91 -6.66
N THR B 43 -19.54 -31.08 -6.02
CA THR B 43 -18.61 -32.18 -6.41
C THR B 43 -19.21 -33.51 -5.96
N LYS B 46 -16.20 -36.34 -2.71
CA LYS B 46 -17.00 -36.36 -1.46
C LYS B 46 -17.12 -34.94 -0.90
N SER B 47 -17.96 -34.76 0.12
CA SER B 47 -17.99 -33.54 0.98
C SER B 47 -16.94 -33.73 2.07
N PRO B 48 -16.19 -32.67 2.46
CA PRO B 48 -15.10 -32.82 3.41
C PRO B 48 -15.59 -33.11 4.83
N PHE B 49 -14.71 -33.61 5.68
CA PHE B 49 -14.97 -33.82 7.12
C PHE B 49 -14.94 -32.46 7.85
N VAL B 50 -16.03 -32.10 8.52
CA VAL B 50 -16.20 -30.75 9.17
C VAL B 50 -15.64 -30.85 10.58
N ILE B 51 -14.67 -29.99 10.91
CA ILE B 51 -14.13 -29.84 12.30
C ILE B 51 -14.69 -28.54 12.86
N TYR B 52 -15.62 -28.63 13.81
CA TYR B 52 -16.36 -27.48 14.42
C TYR B 52 -16.21 -27.47 15.94
N ASP B 53 -15.50 -28.42 16.55
CA ASP B 53 -15.30 -28.50 18.02
C ASP B 53 -14.30 -29.61 18.36
N MET B 54 -14.03 -29.79 19.64
CA MET B 54 -12.92 -30.63 20.14
C MET B 54 -13.24 -32.09 19.82
N ASN B 55 -14.50 -32.50 19.96
CA ASN B 55 -14.99 -33.83 19.51
C ASN B 55 -14.66 -34.00 18.03
N SER B 56 -15.21 -33.12 17.18
CA SER B 56 -14.94 -33.05 15.72
C SER B 56 -13.44 -33.25 15.43
N LEU B 57 -12.59 -32.53 16.15
CA LEU B 57 -11.13 -32.50 15.88
C LEU B 57 -10.56 -33.91 16.07
N MET B 58 -10.99 -34.62 17.11
CA MET B 58 -10.48 -35.98 17.43
C MET B 58 -11.04 -36.95 16.38
N MET B 59 -12.35 -36.90 16.12
CA MET B 59 -12.98 -37.76 15.09
C MET B 59 -12.32 -37.48 13.74
N GLY B 60 -11.91 -36.22 13.51
CA GLY B 60 -11.25 -35.79 12.26
C GLY B 60 -9.82 -36.28 12.20
N GLU B 61 -9.07 -36.13 13.30
CA GLU B 61 -7.62 -36.48 13.35
C GLU B 61 -7.43 -37.96 13.01
N ASP B 62 -8.36 -38.83 13.40
CA ASP B 62 -8.36 -40.25 12.95
C ASP B 62 -9.41 -40.34 11.82
N LYS B 63 -9.00 -39.98 10.59
CA LYS B 63 -9.85 -39.93 9.36
C LYS B 63 -8.99 -39.53 8.15
N LYS B 77 1.46 -31.63 22.07
CA LYS B 77 0.28 -32.51 22.28
C LYS B 77 -1.00 -31.68 22.47
N GLU B 78 -0.92 -30.53 23.15
CA GLU B 78 -2.05 -29.57 23.34
C GLU B 78 -2.71 -29.23 21.98
N VAL B 79 -4.04 -29.17 21.91
CA VAL B 79 -4.81 -29.02 20.64
C VAL B 79 -4.35 -27.78 19.86
N ALA B 80 -4.51 -26.60 20.44
CA ALA B 80 -4.12 -25.31 19.82
C ALA B 80 -2.76 -25.46 19.14
N ILE B 81 -1.79 -26.10 19.78
CA ILE B 81 -0.38 -26.20 19.31
C ILE B 81 -0.27 -27.22 18.17
N ARG B 82 -1.05 -28.29 18.20
CA ARG B 82 -1.10 -29.29 17.09
C ARG B 82 -1.54 -28.58 15.80
N ILE B 83 -2.61 -27.80 15.88
CA ILE B 83 -3.24 -27.10 14.71
C ILE B 83 -2.24 -26.12 14.10
N PHE B 84 -1.66 -25.22 14.88
CA PHE B 84 -0.63 -24.24 14.47
C PHE B 84 0.55 -24.99 13.82
N GLN B 85 1.11 -25.97 14.52
CA GLN B 85 2.30 -26.72 14.05
C GLN B 85 1.95 -27.32 12.68
N GLY B 86 0.70 -27.77 12.50
CA GLY B 86 0.20 -28.30 11.22
C GLY B 86 0.17 -27.24 10.14
N ALA B 87 -0.43 -26.08 10.43
CA ALA B 87 -0.41 -24.92 9.52
C ALA B 87 1.05 -24.59 9.14
N GLN B 88 1.97 -24.69 10.10
CA GLN B 88 3.42 -24.38 9.93
C GLN B 88 4.01 -25.31 8.87
N PHE B 89 3.76 -26.61 9.01
CA PHE B 89 4.26 -27.67 8.10
C PHE B 89 3.65 -27.46 6.72
N ARG B 90 2.33 -27.27 6.64
CA ARG B 90 1.64 -26.96 5.35
C ARG B 90 2.26 -25.71 4.70
N SER B 91 2.58 -24.67 5.47
CA SER B 91 3.08 -23.39 4.90
C SER B 91 4.53 -23.58 4.40
N VAL B 92 5.32 -24.47 5.01
CA VAL B 92 6.67 -24.86 4.48
C VAL B 92 6.49 -25.46 3.07
N GLU B 93 5.50 -26.33 2.91
CA GLU B 93 5.23 -27.02 1.61
C GLU B 93 4.81 -25.93 0.60
N ALA B 94 4.04 -24.94 1.04
CA ALA B 94 3.54 -23.82 0.22
C ALA B 94 4.72 -22.99 -0.27
N VAL B 95 5.72 -22.75 0.59
CA VAL B 95 6.96 -22.04 0.21
C VAL B 95 7.65 -22.76 -0.97
N GLN B 96 7.75 -24.08 -0.92
CA GLN B 96 8.39 -24.92 -1.98
C GLN B 96 7.57 -24.81 -3.26
N GLU B 97 6.25 -24.90 -3.16
CA GLU B 97 5.38 -24.82 -4.36
C GLU B 97 5.58 -23.45 -5.03
N ILE B 98 5.66 -22.37 -4.24
CA ILE B 98 5.71 -20.98 -4.77
C ILE B 98 7.09 -20.77 -5.40
N THR B 99 8.13 -21.32 -4.79
CA THR B 99 9.52 -21.26 -5.29
C THR B 99 9.58 -21.92 -6.66
N GLU B 100 8.93 -23.08 -6.76
CA GLU B 100 8.85 -23.88 -8.02
C GLU B 100 8.12 -23.02 -9.06
N TYR B 101 6.99 -22.42 -8.70
CA TYR B 101 6.21 -21.52 -9.61
C TYR B 101 7.12 -20.38 -10.10
N ALA B 102 7.91 -19.79 -9.21
CA ALA B 102 8.72 -18.58 -9.46
C ALA B 102 9.73 -18.90 -10.57
N LYS B 103 10.23 -20.14 -10.57
CA LYS B 103 11.23 -20.64 -11.55
C LYS B 103 10.63 -20.57 -12.93
N SER B 104 9.31 -20.62 -13.07
CA SER B 104 8.64 -20.62 -14.39
C SER B 104 8.38 -19.19 -14.88
N ILE B 105 8.54 -18.17 -14.04
CA ILE B 105 8.25 -16.77 -14.46
C ILE B 105 9.41 -16.33 -15.34
N PRO B 106 9.16 -15.97 -16.61
CA PRO B 106 10.24 -15.61 -17.53
C PRO B 106 11.07 -14.44 -17.00
N GLY B 107 12.40 -14.62 -16.98
CA GLY B 107 13.39 -13.65 -16.50
C GLY B 107 13.80 -13.89 -15.06
N PHE B 108 12.99 -14.59 -14.25
CA PHE B 108 13.23 -14.71 -12.78
C PHE B 108 14.51 -15.50 -12.47
N VAL B 109 14.71 -16.69 -13.05
CA VAL B 109 15.97 -17.47 -12.76
C VAL B 109 17.17 -16.77 -13.40
N ASN B 110 17.00 -15.80 -14.32
CA ASN B 110 18.15 -15.00 -14.79
C ASN B 110 18.56 -13.91 -13.78
N LEU B 111 17.74 -13.59 -12.77
CA LEU B 111 18.09 -12.54 -11.77
C LEU B 111 19.25 -13.10 -10.93
N ASP B 112 19.99 -12.20 -10.29
CA ASP B 112 20.97 -12.57 -9.24
C ASP B 112 20.33 -13.51 -8.20
N LEU B 113 21.01 -14.59 -7.85
CA LEU B 113 20.44 -15.66 -6.97
C LEU B 113 20.00 -15.08 -5.63
N ASN B 114 20.81 -14.19 -5.05
CA ASN B 114 20.46 -13.47 -3.80
C ASN B 114 19.14 -12.71 -3.98
N ASP B 115 18.89 -12.08 -5.12
CA ASP B 115 17.64 -11.31 -5.34
C ASP B 115 16.47 -12.30 -5.46
N GLN B 116 16.70 -13.47 -6.10
CA GLN B 116 15.69 -14.54 -6.19
C GLN B 116 15.27 -14.94 -4.78
N VAL B 117 16.24 -15.17 -3.90
CA VAL B 117 16.01 -15.58 -2.48
C VAL B 117 15.29 -14.43 -1.77
N THR B 118 15.78 -13.19 -1.87
CA THR B 118 15.13 -11.99 -1.27
C THR B 118 13.67 -11.86 -1.76
N LEU B 119 13.41 -11.92 -3.07
CA LEU B 119 12.01 -11.75 -3.59
C LEU B 119 11.07 -12.79 -2.95
N LEU B 120 11.50 -14.05 -2.86
CA LEU B 120 10.66 -15.16 -2.33
C LEU B 120 10.53 -15.05 -0.80
N LYS B 121 11.64 -14.76 -0.11
CA LYS B 121 11.70 -14.55 1.36
C LYS B 121 10.56 -13.63 1.78
N TYR B 122 10.40 -12.48 1.14
CA TYR B 122 9.42 -11.44 1.55
C TYR B 122 8.06 -11.67 0.86
N GLY B 123 8.03 -12.41 -0.25
CA GLY B 123 6.81 -12.63 -1.05
C GLY B 123 5.96 -13.79 -0.57
N VAL B 124 6.57 -14.85 -0.03
CA VAL B 124 5.82 -16.11 0.26
C VAL B 124 4.70 -15.84 1.24
N HIS B 125 4.86 -14.95 2.22
CA HIS B 125 3.77 -14.72 3.20
C HIS B 125 2.57 -14.12 2.48
N GLU B 126 2.77 -13.12 1.63
CA GLU B 126 1.67 -12.41 0.92
C GLU B 126 0.94 -13.40 -0.01
N ILE B 127 1.71 -14.25 -0.67
CA ILE B 127 1.13 -15.23 -1.62
C ILE B 127 0.38 -16.29 -0.83
N ILE B 128 0.94 -16.74 0.29
CA ILE B 128 0.25 -17.76 1.13
C ILE B 128 -1.14 -17.25 1.48
N TYR B 129 -1.28 -15.99 1.94
CA TYR B 129 -2.58 -15.43 2.39
C TYR B 129 -3.52 -15.26 1.19
N THR B 130 -3.02 -14.87 0.02
CA THR B 130 -3.77 -14.81 -1.26
C THR B 130 -4.40 -16.18 -1.55
N MET B 131 -3.60 -17.24 -1.48
CA MET B 131 -4.00 -18.61 -1.89
C MET B 131 -4.85 -19.25 -0.80
N LEU B 132 -4.61 -18.91 0.48
CA LEU B 132 -5.50 -19.33 1.59
C LEU B 132 -6.94 -18.85 1.34
N ALA B 133 -7.16 -17.65 0.81
CA ALA B 133 -8.51 -17.12 0.46
C ALA B 133 -9.26 -18.06 -0.50
N SER B 134 -8.58 -18.61 -1.52
CA SER B 134 -9.14 -19.64 -2.43
C SER B 134 -9.74 -20.82 -1.63
N LEU B 135 -9.21 -21.10 -0.45
CA LEU B 135 -9.55 -22.25 0.42
C LEU B 135 -10.59 -21.87 1.49
N MET B 136 -11.00 -20.59 1.59
CA MET B 136 -11.89 -20.09 2.69
C MET B 136 -13.24 -19.57 2.17
N ASN B 137 -14.29 -19.66 2.99
CA ASN B 137 -15.48 -18.76 2.96
C ASN B 137 -15.60 -18.11 4.34
N LYS B 138 -16.65 -17.32 4.56
CA LYS B 138 -16.82 -16.53 5.80
C LYS B 138 -16.91 -17.45 7.03
N ASP B 139 -17.16 -18.75 6.84
CA ASP B 139 -17.43 -19.73 7.92
C ASP B 139 -16.28 -20.71 8.15
N GLY B 140 -15.32 -20.85 7.23
CA GLY B 140 -14.16 -21.74 7.49
C GLY B 140 -13.19 -21.91 6.33
N VAL B 141 -12.24 -22.81 6.53
CA VAL B 141 -11.07 -23.03 5.63
C VAL B 141 -10.97 -24.53 5.34
N LEU B 142 -10.76 -24.91 4.07
CA LEU B 142 -10.35 -26.28 3.68
C LEU B 142 -8.96 -26.59 4.23
N ILE B 143 -8.78 -27.76 4.85
CA ILE B 143 -7.45 -28.28 5.31
C ILE B 143 -7.19 -29.64 4.66
N SER B 144 -5.96 -30.13 4.76
CA SER B 144 -5.57 -31.47 4.26
C SER B 144 -6.01 -31.62 2.79
N GLU B 145 -5.57 -30.68 1.94
CA GLU B 145 -5.84 -30.60 0.49
C GLU B 145 -7.31 -30.93 0.20
N GLY B 146 -8.23 -30.44 1.03
CA GLY B 146 -9.67 -30.32 0.67
C GLY B 146 -10.50 -31.39 1.34
N GLN B 147 -9.87 -32.32 2.05
CA GLN B 147 -10.57 -33.46 2.71
C GLN B 147 -11.23 -33.03 4.02
N GLY B 148 -10.67 -32.04 4.71
CA GLY B 148 -11.30 -31.44 5.89
C GLY B 148 -11.75 -30.01 5.64
N PHE B 149 -12.63 -29.52 6.50
CA PHE B 149 -13.07 -28.11 6.62
C PHE B 149 -13.09 -27.76 8.11
N MET B 150 -12.34 -26.73 8.49
CA MET B 150 -12.22 -26.25 9.89
C MET B 150 -13.03 -24.96 10.00
N THR B 151 -13.98 -24.90 10.93
CA THR B 151 -14.86 -23.72 11.11
C THR B 151 -13.99 -22.59 11.63
N ARG B 152 -14.24 -21.41 11.12
CA ARG B 152 -13.70 -20.13 11.63
C ARG B 152 -13.94 -20.04 13.14
N GLU B 153 -15.14 -20.43 13.60
CA GLU B 153 -15.52 -20.28 15.03
C GLU B 153 -14.67 -21.23 15.86
N PHE B 154 -14.50 -22.48 15.42
CA PHE B 154 -13.62 -23.42 16.16
C PHE B 154 -12.22 -22.81 16.29
N LEU B 155 -11.65 -22.22 15.23
CA LEU B 155 -10.32 -21.56 15.26
C LEU B 155 -10.33 -20.34 16.19
N LYS B 156 -11.38 -19.52 16.14
CA LYS B 156 -11.55 -18.32 17.04
C LYS B 156 -11.62 -18.77 18.51
N SER B 157 -12.03 -20.01 18.77
CA SER B 157 -12.27 -20.61 20.11
C SER B 157 -10.97 -21.16 20.72
N LEU B 158 -9.91 -21.38 19.93
CA LEU B 158 -8.64 -21.92 20.49
C LEU B 158 -8.13 -20.90 21.50
N ARG B 159 -7.39 -21.34 22.53
CA ARG B 159 -6.91 -20.46 23.62
C ARG B 159 -5.98 -19.39 23.01
N LYS B 160 -6.06 -18.15 23.52
CA LYS B 160 -5.16 -17.04 23.17
C LYS B 160 -3.71 -17.50 23.38
N PRO B 161 -2.74 -17.09 22.52
CA PRO B 161 -2.98 -16.22 21.37
C PRO B 161 -3.37 -16.90 20.03
N PHE B 162 -3.65 -18.21 20.05
CA PHE B 162 -3.89 -19.05 18.83
C PHE B 162 -5.29 -18.81 18.28
N GLY B 163 -6.26 -18.46 19.12
CA GLY B 163 -7.61 -18.05 18.69
C GLY B 163 -7.58 -16.88 17.71
N ASP B 164 -6.46 -16.15 17.66
CA ASP B 164 -6.30 -14.86 16.94
C ASP B 164 -5.54 -15.02 15.62
N PHE B 165 -4.91 -16.17 15.36
CA PHE B 165 -3.91 -16.30 14.26
C PHE B 165 -4.64 -16.21 12.91
N MET B 166 -5.82 -16.84 12.78
CA MET B 166 -6.51 -17.01 11.47
C MET B 166 -7.50 -15.87 11.23
N GLU B 167 -8.06 -15.27 12.28
CA GLU B 167 -9.22 -14.34 12.14
C GLU B 167 -8.94 -13.21 11.15
N PRO B 168 -7.75 -12.56 11.16
CA PRO B 168 -7.46 -11.54 10.16
C PRO B 168 -7.39 -12.12 8.73
N LYS B 169 -7.00 -13.39 8.59
CA LYS B 169 -6.86 -14.01 7.25
C LYS B 169 -8.27 -14.20 6.68
N PHE B 170 -9.26 -14.48 7.55
CA PHE B 170 -10.68 -14.64 7.16
C PHE B 170 -11.25 -13.29 6.77
N GLU B 171 -11.01 -12.23 7.55
CA GLU B 171 -11.43 -10.84 7.21
C GLU B 171 -10.92 -10.53 5.79
N PHE B 172 -9.62 -10.76 5.55
CA PHE B 172 -8.97 -10.47 4.25
C PHE B 172 -9.63 -11.30 3.15
N ALA B 173 -9.85 -12.58 3.41
CA ALA B 173 -10.35 -13.55 2.40
C ALA B 173 -11.76 -13.16 1.95
N VAL B 174 -12.60 -12.68 2.85
CA VAL B 174 -14.01 -12.38 2.47
C VAL B 174 -13.99 -11.21 1.48
N LYS B 175 -13.21 -10.16 1.76
CA LYS B 175 -13.09 -8.95 0.88
C LYS B 175 -12.44 -9.34 -0.44
N PHE B 176 -11.38 -10.16 -0.36
CA PHE B 176 -10.60 -10.62 -1.53
C PHE B 176 -11.47 -11.52 -2.41
N ASN B 177 -12.25 -12.42 -1.81
CA ASN B 177 -13.04 -13.43 -2.56
C ASN B 177 -14.15 -12.71 -3.33
N ALA B 178 -14.60 -11.55 -2.82
CA ALA B 178 -15.63 -10.69 -3.45
C ALA B 178 -15.12 -10.13 -4.80
N LEU B 179 -13.82 -10.16 -5.09
CA LEU B 179 -13.28 -9.76 -6.41
C LEU B 179 -13.55 -10.86 -7.47
N GLU B 180 -13.80 -12.11 -7.05
CA GLU B 180 -14.23 -13.23 -7.94
C GLU B 180 -13.15 -13.51 -9.00
N LEU B 181 -11.90 -13.48 -8.58
CA LEU B 181 -10.75 -13.85 -9.44
C LEU B 181 -10.79 -15.36 -9.69
N ASP B 182 -10.23 -15.81 -10.80
CA ASP B 182 -10.13 -17.26 -11.10
C ASP B 182 -8.64 -17.60 -11.07
N ASP B 183 -8.28 -18.86 -11.29
CA ASP B 183 -6.89 -19.35 -11.17
C ASP B 183 -6.01 -18.65 -12.20
N SER B 184 -6.57 -18.31 -13.35
CA SER B 184 -5.83 -17.67 -14.46
C SER B 184 -5.57 -16.21 -14.08
N ASP B 185 -6.48 -15.56 -13.36
CA ASP B 185 -6.19 -14.22 -12.79
C ASP B 185 -5.09 -14.36 -11.72
N LEU B 186 -5.27 -15.28 -10.79
CA LEU B 186 -4.39 -15.43 -9.62
C LEU B 186 -2.95 -15.76 -10.05
N ALA B 187 -2.78 -16.58 -11.08
CA ALA B 187 -1.42 -16.96 -11.54
C ALA B 187 -0.62 -15.69 -11.83
N ILE B 188 -1.20 -14.72 -12.54
CA ILE B 188 -0.44 -13.49 -12.88
C ILE B 188 -0.31 -12.58 -11.65
N PHE B 189 -1.35 -12.46 -10.83
CA PHE B 189 -1.32 -11.60 -9.62
C PHE B 189 -0.15 -12.05 -8.73
N ILE B 190 -0.03 -13.36 -8.54
CA ILE B 190 1.02 -13.95 -7.67
C ILE B 190 2.41 -13.66 -8.26
N ALA B 191 2.56 -13.78 -9.58
CA ALA B 191 3.83 -13.44 -10.27
C ALA B 191 4.19 -11.97 -9.98
N VAL B 192 3.18 -11.07 -10.04
CA VAL B 192 3.37 -9.63 -9.77
C VAL B 192 3.89 -9.48 -8.34
N ILE B 193 3.30 -10.16 -7.36
CA ILE B 193 3.72 -10.02 -5.95
C ILE B 193 5.21 -10.41 -5.83
N ILE B 194 5.59 -11.56 -6.40
CA ILE B 194 6.98 -12.10 -6.35
C ILE B 194 7.95 -11.04 -6.89
N LEU B 195 7.66 -10.44 -8.03
CA LEU B 195 8.58 -9.42 -8.63
C LEU B 195 8.32 -8.00 -8.09
N SER B 196 8.30 -7.85 -6.75
CA SER B 196 8.28 -6.54 -6.04
C SER B 196 9.69 -5.96 -5.88
N GLY B 197 9.98 -4.85 -6.53
CA GLY B 197 11.30 -4.19 -6.56
C GLY B 197 11.57 -3.39 -5.31
N ASP B 198 10.59 -3.32 -4.40
CA ASP B 198 10.69 -2.52 -3.16
C ASP B 198 11.03 -3.44 -1.97
N ARG B 199 11.38 -4.72 -2.17
CA ARG B 199 11.81 -5.59 -1.03
C ARG B 199 13.17 -5.14 -0.50
N PRO B 200 13.38 -5.11 0.83
CA PRO B 200 14.65 -4.68 1.41
C PRO B 200 15.83 -5.59 1.03
N GLY B 201 16.98 -4.98 0.72
CA GLY B 201 18.23 -5.70 0.47
C GLY B 201 18.44 -5.98 -1.00
N LEU B 202 17.43 -5.79 -1.84
CA LEU B 202 17.56 -6.16 -3.28
C LEU B 202 18.75 -5.40 -3.84
N LEU B 203 19.53 -6.07 -4.69
CA LEU B 203 20.80 -5.60 -5.30
C LEU B 203 20.48 -4.88 -6.60
N ASN B 204 19.65 -5.50 -7.45
CA ASN B 204 19.36 -5.03 -8.83
C ASN B 204 17.85 -4.87 -8.96
N VAL B 205 17.34 -3.70 -8.62
CA VAL B 205 15.89 -3.36 -8.55
C VAL B 205 15.33 -3.26 -9.99
N LYS B 206 16.05 -2.61 -10.88
CA LYS B 206 15.56 -2.26 -12.24
C LYS B 206 15.12 -3.53 -12.97
N PRO B 207 15.97 -4.58 -13.10
CA PRO B 207 15.55 -5.81 -13.79
C PRO B 207 14.32 -6.50 -13.17
N ILE B 208 14.12 -6.38 -11.86
CA ILE B 208 12.91 -6.91 -11.17
C ILE B 208 11.70 -6.12 -11.64
N GLU B 209 11.83 -4.79 -11.67
CA GLU B 209 10.76 -3.85 -12.07
C GLU B 209 10.45 -4.03 -13.55
N ASP B 210 11.44 -4.32 -14.39
CA ASP B 210 11.25 -4.56 -15.84
C ASP B 210 10.33 -5.76 -16.02
N ILE B 211 10.64 -6.88 -15.36
CA ILE B 211 9.77 -8.09 -15.40
C ILE B 211 8.39 -7.73 -14.83
N GLN B 212 8.33 -7.03 -13.70
CA GLN B 212 7.03 -6.75 -13.03
C GLN B 212 6.12 -5.92 -13.95
N ASP B 213 6.67 -4.97 -14.70
CA ASP B 213 5.89 -4.09 -15.61
C ASP B 213 5.22 -4.99 -16.66
N ASN B 214 6.00 -5.94 -17.17
CA ASN B 214 5.52 -6.91 -18.17
C ASN B 214 4.37 -7.70 -17.57
N LEU B 215 4.50 -8.17 -16.33
CA LEU B 215 3.46 -8.98 -15.66
C LEU B 215 2.23 -8.14 -15.38
N LEU B 216 2.39 -6.89 -14.97
CA LEU B 216 1.26 -5.96 -14.76
C LEU B 216 0.54 -5.70 -16.09
N GLN B 217 1.25 -5.46 -17.19
CA GLN B 217 0.57 -5.33 -18.51
C GLN B 217 -0.25 -6.60 -18.79
N ALA B 218 0.25 -7.78 -18.45
CA ALA B 218 -0.43 -9.08 -18.69
C ALA B 218 -1.67 -9.20 -17.79
N LEU B 219 -1.54 -8.83 -16.51
CA LEU B 219 -2.68 -8.83 -15.53
C LEU B 219 -3.79 -7.87 -15.99
N GLU B 220 -3.45 -6.63 -16.31
CA GLU B 220 -4.39 -5.59 -16.82
C GLU B 220 -5.22 -6.18 -17.98
N LEU B 221 -4.56 -6.66 -19.06
CA LEU B 221 -5.23 -7.27 -20.24
C LEU B 221 -6.11 -8.46 -19.82
N GLN B 222 -5.57 -9.37 -19.00
CA GLN B 222 -6.29 -10.55 -18.46
C GLN B 222 -7.58 -10.11 -17.76
N LEU B 223 -7.53 -9.07 -16.91
CA LEU B 223 -8.70 -8.67 -16.11
C LEU B 223 -9.74 -8.00 -17.02
N LYS B 224 -9.30 -7.30 -18.08
CA LYS B 224 -10.21 -6.61 -19.02
C LYS B 224 -10.99 -7.66 -19.81
N LEU B 225 -10.32 -8.69 -20.30
CA LEU B 225 -10.93 -9.77 -21.12
C LEU B 225 -11.77 -10.71 -20.25
N ASN B 226 -11.30 -11.05 -19.05
CA ASN B 226 -11.94 -12.07 -18.19
C ASN B 226 -13.04 -11.41 -17.35
N HIS B 227 -12.94 -10.12 -17.03
CA HIS B 227 -13.98 -9.38 -16.24
C HIS B 227 -14.31 -8.03 -16.88
N PRO B 228 -14.91 -8.02 -18.09
CA PRO B 228 -15.26 -6.78 -18.79
C PRO B 228 -16.18 -5.84 -18.02
N GLU B 229 -17.02 -6.38 -17.16
CA GLU B 229 -18.10 -5.65 -16.44
C GLU B 229 -17.58 -5.14 -15.08
N SER B 230 -16.43 -5.63 -14.61
CA SER B 230 -15.87 -5.34 -13.27
C SER B 230 -14.99 -4.09 -13.36
N SER B 231 -15.60 -2.94 -13.04
CA SER B 231 -15.00 -1.59 -13.15
C SER B 231 -13.78 -1.46 -12.23
N GLN B 232 -12.65 -1.06 -12.82
CA GLN B 232 -11.37 -0.77 -12.11
C GLN B 232 -10.98 -1.99 -11.25
N LEU B 233 -11.23 -3.20 -11.73
CA LEU B 233 -10.86 -4.44 -11.00
C LEU B 233 -9.34 -4.50 -10.80
N PHE B 234 -8.57 -4.11 -11.84
CA PHE B 234 -7.09 -4.04 -11.81
C PHE B 234 -6.66 -3.18 -10.62
N ALA B 235 -7.16 -1.95 -10.57
CA ALA B 235 -6.89 -0.99 -9.48
C ALA B 235 -7.27 -1.62 -8.13
N LYS B 236 -8.48 -2.13 -8.03
CA LYS B 236 -9.01 -2.69 -6.74
C LYS B 236 -8.13 -3.87 -6.32
N LEU B 237 -7.67 -4.67 -7.28
CA LEU B 237 -6.80 -5.84 -6.99
C LEU B 237 -5.46 -5.31 -6.47
N LEU B 238 -4.85 -4.33 -7.13
CA LEU B 238 -3.56 -3.78 -6.64
C LEU B 238 -3.75 -3.18 -5.24
N GLN B 239 -4.90 -2.57 -4.94
CA GLN B 239 -5.12 -1.94 -3.59
C GLN B 239 -4.99 -3.03 -2.52
N LYS B 240 -5.31 -4.29 -2.85
CA LYS B 240 -5.26 -5.44 -1.91
C LYS B 240 -3.82 -5.71 -1.44
N MET B 241 -2.79 -5.18 -2.11
CA MET B 241 -1.39 -5.25 -1.58
C MET B 241 -1.33 -4.67 -0.16
N THR B 242 -2.10 -3.61 0.08
CA THR B 242 -2.22 -2.93 1.39
C THR B 242 -2.71 -3.94 2.41
N ASP B 243 -3.94 -4.47 2.23
CA ASP B 243 -4.55 -5.44 3.16
C ASP B 243 -3.55 -6.57 3.44
N LEU B 244 -2.79 -6.97 2.41
CA LEU B 244 -1.90 -8.16 2.38
C LEU B 244 -0.64 -7.85 3.20
N ARG B 245 -0.01 -6.69 2.96
CA ARG B 245 1.19 -6.27 3.72
C ARG B 245 0.84 -6.08 5.19
N GLN B 246 -0.38 -5.65 5.51
CA GLN B 246 -0.85 -5.45 6.92
C GLN B 246 -1.03 -6.82 7.58
N ILE B 247 -1.67 -7.76 6.90
CA ILE B 247 -1.78 -9.16 7.42
C ILE B 247 -0.38 -9.68 7.79
N VAL B 248 0.62 -9.45 6.94
CA VAL B 248 1.98 -10.05 7.10
C VAL B 248 2.62 -9.41 8.34
N THR B 249 2.59 -8.08 8.40
CA THR B 249 3.03 -7.31 9.59
C THR B 249 2.37 -7.90 10.84
N GLU B 250 1.03 -7.86 10.95
CA GLU B 250 0.29 -8.45 12.10
C GLU B 250 0.70 -9.89 12.35
N HIS B 251 0.85 -10.70 11.29
CA HIS B 251 1.23 -12.13 11.41
C HIS B 251 2.64 -12.21 12.00
N VAL B 252 3.59 -11.41 11.47
CA VAL B 252 5.00 -11.32 11.94
C VAL B 252 5.06 -10.81 13.39
N GLN B 253 4.20 -9.85 13.79
CA GLN B 253 4.05 -9.43 15.23
C GLN B 253 3.69 -10.67 16.05
N LEU B 254 2.44 -11.15 15.89
CA LEU B 254 1.84 -12.30 16.63
C LEU B 254 2.80 -13.51 16.64
N LEU B 255 3.52 -13.77 15.55
CA LEU B 255 4.50 -14.88 15.42
C LEU B 255 5.73 -14.60 16.30
N GLN B 256 5.88 -13.37 16.78
CA GLN B 256 7.01 -12.92 17.64
C GLN B 256 6.57 -12.91 19.11
N VAL B 257 5.33 -13.34 19.40
CA VAL B 257 4.82 -13.63 20.77
C VAL B 257 4.98 -15.13 21.02
N ILE B 258 4.53 -15.99 20.10
CA ILE B 258 4.66 -17.48 20.18
C ILE B 258 6.14 -17.86 20.30
N LYS B 259 7.02 -17.11 19.63
CA LYS B 259 8.51 -17.28 19.65
C LYS B 259 9.06 -16.93 21.05
N LYS B 260 8.36 -16.09 21.83
CA LYS B 260 8.83 -15.57 23.15
C LYS B 260 7.80 -15.83 24.27
N THR B 261 6.79 -16.69 24.09
CA THR B 261 5.70 -16.91 25.09
C THR B 261 5.34 -18.40 25.24
N GLU B 262 5.85 -19.29 24.40
CA GLU B 262 5.52 -20.74 24.42
C GLU B 262 6.84 -21.53 24.50
N GLY C 7 -8.29 16.68 18.52
CA GLY C 7 -7.44 17.82 18.08
C GLY C 7 -7.46 17.98 16.56
N LEU C 8 -7.14 16.87 15.86
CA LEU C 8 -7.20 16.74 14.39
C LEU C 8 -8.67 16.87 13.94
N GLU C 9 -9.54 16.03 14.52
CA GLU C 9 -11.00 15.99 14.25
C GLU C 9 -11.58 17.40 14.38
N ALA C 10 -11.20 18.10 15.45
CA ALA C 10 -11.64 19.47 15.78
C ALA C 10 -11.27 20.41 14.63
N ILE C 11 -9.99 20.44 14.26
CA ILE C 11 -9.49 21.22 13.10
C ILE C 11 -10.28 20.84 11.84
N ILE C 12 -10.37 19.54 11.52
CA ILE C 12 -11.07 19.10 10.28
C ILE C 12 -12.52 19.61 10.32
N ARG C 13 -13.20 19.40 11.44
CA ARG C 13 -14.66 19.70 11.62
C ARG C 13 -14.94 21.18 11.36
N LYS C 14 -14.19 22.08 11.99
CA LYS C 14 -14.39 23.55 11.84
C LYS C 14 -13.97 23.95 10.42
N ALA C 15 -12.85 23.41 9.93
CA ALA C 15 -12.37 23.66 8.55
C ALA C 15 -13.46 23.22 7.57
N LEU C 16 -14.24 22.18 7.89
CA LEU C 16 -15.28 21.63 6.97
C LEU C 16 -16.50 22.55 6.91
N MET C 17 -16.82 23.31 7.97
CA MET C 17 -18.15 23.96 8.17
C MET C 17 -18.16 25.41 7.62
N GLY D 7 16.43 -20.09 7.74
CA GLY D 7 15.38 -21.15 7.89
C GLY D 7 14.46 -21.18 6.68
N LEU D 8 13.62 -20.16 6.54
CA LEU D 8 12.82 -19.86 5.31
C LEU D 8 13.77 -19.77 4.10
N GLU D 9 14.90 -19.06 4.30
CA GLU D 9 15.93 -18.83 3.25
C GLU D 9 16.54 -20.16 2.79
N ALA D 10 16.84 -21.08 3.72
CA ALA D 10 17.38 -22.42 3.41
C ALA D 10 16.33 -23.24 2.62
N ILE D 11 15.07 -23.19 3.04
CA ILE D 11 13.95 -23.85 2.32
C ILE D 11 13.95 -23.35 0.87
N ILE D 12 14.08 -22.04 0.68
CA ILE D 12 13.99 -21.36 -0.64
C ILE D 12 15.21 -21.74 -1.49
N ARG D 13 16.42 -21.68 -0.92
CA ARG D 13 17.67 -22.01 -1.65
C ARG D 13 17.62 -23.45 -2.14
N LYS D 14 17.21 -24.37 -1.26
CA LYS D 14 17.07 -25.81 -1.56
C LYS D 14 16.04 -26.01 -2.68
N ALA D 15 14.85 -25.41 -2.57
CA ALA D 15 13.81 -25.50 -3.62
C ALA D 15 14.36 -24.96 -4.95
N LEU D 16 15.09 -23.84 -4.95
CA LEU D 16 15.64 -23.19 -6.18
C LEU D 16 16.65 -24.09 -6.87
N MET D 17 17.65 -24.62 -6.15
CA MET D 17 18.74 -25.47 -6.73
C MET D 17 18.15 -26.72 -7.40
N GLY D 18 17.14 -27.38 -6.78
CA GLY D 18 16.27 -28.38 -7.43
C GLY D 18 16.46 -29.78 -6.85
N3 Q33 E . 6.61 20.91 6.91
C4 Q33 E . 5.57 20.76 6.04
C5 Q33 E . 5.48 21.42 4.79
C6 Q33 E . 4.42 21.26 3.89
C7 Q33 E . 3.37 20.40 4.24
C8 Q33 E . 3.42 19.75 5.47
C10 Q33 E . 8.52 22.08 8.00
C13 Q33 E . 9.85 24.60 10.46
C15 Q33 E . 10.57 21.23 8.92
C17 Q33 E . 9.50 21.09 8.07
C21 Q33 E . 10.59 25.59 12.53
C22 Q33 E . 12.01 26.09 12.50
C24 Q33 E . 13.80 27.19 13.63
C26 Q33 E . 14.10 26.43 11.36
O1 Q33 E . 7.27 23.05 6.25
C2 Q33 E . 7.35 22.05 7.01
C9 Q33 E . 4.50 19.90 6.37
C11 Q33 E . 8.67 23.23 8.77
C12 Q33 E . 9.75 23.35 9.62
C14 Q33 E . 10.70 22.35 9.71
CL16 Q33 E . 11.73 19.95 8.99
O19 Q33 E . 9.46 25.66 10.01
N20 Q33 E . 10.44 24.46 11.63
C23 Q33 E . 12.50 26.71 13.64
C25 Q33 E . 14.60 27.04 12.49
C27 Q33 E . 12.80 25.93 11.35
CL1 Q33 E . 9.44 19.65 7.13
N3 Q33 F . -3.05 -24.13 5.01
C4 Q33 F . -2.40 -23.60 3.93
C5 Q33 F . -2.89 -23.86 2.64
C6 Q33 F . -2.25 -23.38 1.49
C7 Q33 F . -1.09 -22.63 1.61
C8 Q33 F . -0.58 -22.39 2.91
C10 Q33 F . -3.52 -24.57 7.43
C13 Q33 F . -3.62 -28.03 9.02
C15 Q33 F . -4.99 -24.65 9.38
C17 Q33 F . -4.40 -23.95 8.32
C21 Q33 F . -3.24 -29.71 10.75
C22 Q33 F . -4.37 -30.28 11.61
C24 Q33 F . -5.03 -31.50 13.59
C26 Q33 F . -6.69 -30.69 12.00
O1 Q33 F . -1.94 -22.93 6.58
C2 Q33 F . -2.79 -23.78 6.28
C9 Q33 F . -1.22 -22.86 4.06
C11 Q33 F . -3.25 -25.93 7.66
C12 Q33 F . -3.87 -26.58 8.74
C14 Q33 F . -4.73 -25.96 9.59
CL16 Q33 F . -6.08 -23.92 10.49
O19 Q33 F . -3.60 -28.83 8.08
N20 Q33 F . -3.51 -28.34 10.30
C23 Q33 F . -4.03 -30.95 12.79
C25 Q33 F . -6.37 -31.37 13.18
C27 Q33 F . -5.69 -30.15 11.22
CL1 Q33 F . -4.77 -22.31 8.10
#